data_8AA9
#
_entry.id   8AA9
#
_cell.length_a   52.754
_cell.length_b   83.475
_cell.length_c   56.195
_cell.angle_alpha   90
_cell.angle_beta   115.33
_cell.angle_gamma   90
#
_symmetry.space_group_name_H-M   'P 1 21 1'
#
loop_
_entity.id
_entity.type
_entity.pdbx_description
1 polymer 'Replication factor A'
2 non-polymer DI(HYDROXYETHYL)ETHER
3 non-polymer 'CHLORIDE ION'
4 water water
#
_entity_poly.entity_id   1
_entity_poly.type   'polypeptide(L)'
_entity_poly.pdbx_seq_one_letter_code
;GTGDGSTVLTKDRIIEIIERKTGMSREEIEEEIRKIMEEDPYLSEQGAAALLAERLGIDLIEKEEVSLMRISELYPGMDP
REVNVVGRVLKKYPPREYTRKDGSVGRVASLIIYDDSGRARVVLWDAKVSEYYNKIEVGDVIKVLDAQVKESLSGLPELH
INFRARIILNPDDPRVEMIPPLEEVRVATYTRKKIKDI
;
_entity_poly.pdbx_strand_id   A,B
#
loop_
_chem_comp.id
_chem_comp.type
_chem_comp.name
_chem_comp.formula
CL non-polymer 'CHLORIDE ION' 'Cl -1'
PEG non-polymer DI(HYDROXYETHYL)ETHER 'C4 H10 O3'
#
# COMPACT_ATOMS: atom_id res chain seq x y z
N VAL A 8 -18.30 -16.76 -6.97
CA VAL A 8 -19.37 -16.15 -7.75
C VAL A 8 -18.78 -15.40 -8.94
N LEU A 9 -17.65 -14.69 -8.74
CA LEU A 9 -16.99 -13.97 -9.84
C LEU A 9 -16.56 -14.97 -10.93
N THR A 10 -16.79 -14.62 -12.19
CA THR A 10 -16.42 -15.48 -13.30
C THR A 10 -14.88 -15.56 -13.44
N LYS A 11 -14.39 -16.55 -14.15
CA LYS A 11 -12.98 -16.71 -14.46
C LYS A 11 -12.43 -15.47 -15.20
N ASP A 12 -13.21 -14.93 -16.16
CA ASP A 12 -12.77 -13.75 -16.91
C ASP A 12 -12.68 -12.52 -16.02
N ARG A 13 -13.62 -12.36 -15.08
CA ARG A 13 -13.58 -11.23 -14.17
C ARG A 13 -12.38 -11.37 -13.23
N ILE A 14 -12.12 -12.59 -12.73
CA ILE A 14 -10.96 -12.81 -11.85
C ILE A 14 -9.66 -12.50 -12.60
N ILE A 15 -9.56 -12.91 -13.88
CA ILE A 15 -8.36 -12.61 -14.68
C ILE A 15 -8.21 -11.10 -14.86
N GLU A 16 -9.32 -10.39 -15.10
CA GLU A 16 -9.28 -8.94 -15.24
C GLU A 16 -8.78 -8.27 -13.94
N ILE A 17 -9.24 -8.73 -12.79
CA ILE A 17 -8.79 -8.19 -11.51
C ILE A 17 -7.29 -8.49 -11.31
N ILE A 18 -6.84 -9.73 -11.64
CA ILE A 18 -5.42 -10.10 -11.53
C ILE A 18 -4.55 -9.23 -12.43
N GLU A 19 -5.00 -8.94 -13.67
CA GLU A 19 -4.25 -8.06 -14.59
C GLU A 19 -4.08 -6.68 -13.96
N ARG A 20 -5.16 -6.15 -13.36
CA ARG A 20 -5.11 -4.83 -12.75
C ARG A 20 -4.18 -4.80 -11.54
N LYS A 21 -4.30 -5.80 -10.67
CA LYS A 21 -3.52 -5.83 -9.43
C LYS A 21 -2.06 -6.29 -9.56
N THR A 22 -1.71 -6.99 -10.63
CA THR A 22 -0.34 -7.49 -10.79
C THR A 22 0.39 -6.92 -11.99
N GLY A 23 -0.32 -6.38 -12.98
CA GLY A 23 0.33 -5.91 -14.21
C GLY A 23 0.76 -7.04 -15.13
N MET A 24 0.51 -8.32 -14.76
CA MET A 24 0.87 -9.44 -15.64
C MET A 24 -0.04 -9.40 -16.90
N SER A 25 0.44 -9.89 -18.03
CA SER A 25 -0.37 -9.96 -19.23
C SER A 25 -1.38 -11.09 -19.10
N ARG A 26 -2.42 -11.11 -19.95
CA ARG A 26 -3.40 -12.19 -19.95
C ARG A 26 -2.73 -13.55 -20.21
N GLU A 27 -1.73 -13.57 -21.11
CA GLU A 27 -1.00 -14.78 -21.44
C GLU A 27 -0.23 -15.31 -20.23
N GLU A 28 0.42 -14.43 -19.48
CA GLU A 28 1.16 -14.81 -18.27
C GLU A 28 0.20 -15.37 -17.22
N ILE A 29 -0.95 -14.70 -17.03
CA ILE A 29 -1.95 -15.16 -16.06
C ILE A 29 -2.54 -16.52 -16.44
N GLU A 30 -2.84 -16.72 -17.72
CA GLU A 30 -3.37 -18.02 -18.18
C GLU A 30 -2.40 -19.13 -17.94
N GLU A 31 -1.12 -18.88 -18.16
CA GLU A 31 -0.09 -19.86 -17.90
C GLU A 31 -0.02 -20.22 -16.41
N GLU A 32 -0.22 -19.22 -15.52
CA GLU A 32 -0.27 -19.51 -14.08
C GLU A 32 -1.48 -20.35 -13.72
N ILE A 33 -2.61 -20.07 -14.38
CA ILE A 33 -3.84 -20.86 -14.11
C ILE A 33 -3.61 -22.31 -14.62
N ARG A 34 -2.95 -22.48 -15.77
CA ARG A 34 -2.65 -23.82 -16.32
C ARG A 34 -1.82 -24.62 -15.32
N LYS A 35 -0.78 -24.00 -14.72
CA LYS A 35 0.05 -24.66 -13.75
C LYS A 35 -0.74 -25.12 -12.53
N ILE A 36 -1.65 -24.29 -12.04
CA ILE A 36 -2.50 -24.63 -10.92
C ILE A 36 -3.44 -25.81 -11.28
N MET A 37 -3.98 -25.81 -12.48
CA MET A 37 -4.85 -26.90 -12.93
C MET A 37 -4.09 -28.20 -13.15
N GLU A 38 -2.84 -28.11 -13.59
CA GLU A 38 -1.98 -29.29 -13.76
C GLU A 38 -1.59 -29.88 -12.39
N GLU A 39 -1.52 -29.06 -11.36
CA GLU A 39 -1.23 -29.47 -10.00
C GLU A 39 -2.49 -30.10 -9.36
N ASP A 40 -3.69 -29.56 -9.67
CA ASP A 40 -4.93 -30.05 -9.06
C ASP A 40 -6.01 -30.31 -10.11
N PRO A 41 -6.21 -31.58 -10.48
CA PRO A 41 -7.21 -31.89 -11.52
C PRO A 41 -8.67 -31.69 -11.14
N TYR A 42 -8.94 -31.44 -9.86
CA TYR A 42 -10.31 -31.24 -9.37
C TYR A 42 -10.79 -29.77 -9.46
N LEU A 43 -9.87 -28.83 -9.71
CA LEU A 43 -10.24 -27.42 -9.83
C LEU A 43 -10.83 -27.11 -11.18
N SER A 44 -11.89 -26.29 -11.18
CA SER A 44 -12.43 -25.77 -12.43
C SER A 44 -11.52 -24.59 -12.84
N GLU A 45 -11.69 -24.03 -14.04
CA GLU A 45 -10.91 -22.87 -14.47
C GLU A 45 -11.16 -21.67 -13.53
N GLN A 46 -12.42 -21.51 -13.08
CA GLN A 46 -12.79 -20.44 -12.16
C GLN A 46 -12.14 -20.65 -10.81
N GLY A 47 -12.16 -21.90 -10.31
CA GLY A 47 -11.55 -22.25 -9.04
C GLY A 47 -10.05 -22.05 -9.06
N ALA A 48 -9.41 -22.36 -10.18
CA ALA A 48 -7.97 -22.17 -10.34
C ALA A 48 -7.63 -20.69 -10.39
N ALA A 49 -8.47 -19.88 -11.05
CA ALA A 49 -8.26 -18.43 -11.12
C ALA A 49 -8.39 -17.82 -9.71
N ALA A 50 -9.41 -18.27 -8.94
CA ALA A 50 -9.64 -17.81 -7.57
C ALA A 50 -8.46 -18.20 -6.68
N LEU A 51 -7.90 -19.42 -6.85
CA LEU A 51 -6.76 -19.86 -6.06
C LEU A 51 -5.53 -18.99 -6.39
N LEU A 52 -5.34 -18.67 -7.69
CA LEU A 52 -4.24 -17.80 -8.11
C LEU A 52 -4.41 -16.41 -7.45
N ALA A 53 -5.62 -15.84 -7.46
CA ALA A 53 -5.89 -14.53 -6.81
C ALA A 53 -5.50 -14.58 -5.31
N GLU A 54 -5.89 -15.66 -4.63
CA GLU A 54 -5.59 -15.90 -3.21
C GLU A 54 -4.08 -15.98 -2.99
N ARG A 55 -3.35 -16.73 -3.84
CA ARG A 55 -1.89 -16.83 -3.73
C ARG A 55 -1.17 -15.51 -4.00
N LEU A 56 -1.79 -14.65 -4.80
CA LEU A 56 -1.24 -13.32 -5.08
C LEU A 56 -1.60 -12.29 -3.96
N GLY A 57 -2.32 -12.72 -2.92
CA GLY A 57 -2.75 -11.82 -1.85
C GLY A 57 -3.89 -10.90 -2.26
N ILE A 58 -4.68 -11.31 -3.24
CA ILE A 58 -5.80 -10.52 -3.73
C ILE A 58 -7.08 -11.04 -3.10
N ASP A 59 -7.80 -10.16 -2.39
CA ASP A 59 -9.08 -10.53 -1.81
C ASP A 59 -10.14 -10.18 -2.81
N LEU A 60 -10.91 -11.16 -3.24
CA LEU A 60 -11.92 -10.96 -4.25
C LEU A 60 -13.20 -10.44 -3.65
N ILE A 61 -13.59 -9.20 -4.04
CA ILE A 61 -14.80 -8.50 -3.60
C ILE A 61 -15.91 -8.91 -4.54
N GLU A 62 -16.91 -9.64 -4.04
CA GLU A 62 -18.00 -10.15 -4.86
C GLU A 62 -18.93 -9.10 -5.42
N LYS A 63 -19.08 -7.96 -4.72
CA LYS A 63 -19.92 -6.88 -5.21
C LYS A 63 -19.14 -5.58 -5.29
N GLU A 64 -18.54 -5.31 -6.46
CA GLU A 64 -17.81 -4.08 -6.72
C GLU A 64 -18.52 -3.48 -7.92
N GLU A 65 -19.68 -2.91 -7.66
CA GLU A 65 -20.50 -2.34 -8.71
C GLU A 65 -20.15 -0.88 -8.99
N VAL A 66 -20.58 -0.40 -10.16
CA VAL A 66 -20.40 0.99 -10.50
C VAL A 66 -21.57 1.78 -9.90
N SER A 67 -21.33 3.04 -9.64
CA SER A 67 -22.28 3.94 -9.04
C SER A 67 -21.88 5.36 -9.42
N LEU A 68 -22.84 6.25 -9.49
CA LEU A 68 -22.55 7.67 -9.70
C LEU A 68 -22.50 8.42 -8.34
N MET A 69 -22.78 7.73 -7.21
CA MET A 69 -22.86 8.38 -5.90
C MET A 69 -21.69 9.23 -5.53
N ARG A 70 -21.99 10.39 -4.96
CA ARG A 70 -20.98 11.31 -4.50
C ARG A 70 -21.02 11.46 -2.98
N ILE A 71 -19.91 11.91 -2.40
CA ILE A 71 -19.82 12.18 -0.99
C ILE A 71 -20.90 13.18 -0.52
N SER A 72 -21.22 14.18 -1.36
CA SER A 72 -22.28 15.17 -1.04
C SER A 72 -23.65 14.54 -0.87
N GLU A 73 -23.87 13.34 -1.42
CA GLU A 73 -25.14 12.62 -1.32
C GLU A 73 -25.26 11.72 -0.10
N LEU A 74 -24.17 11.54 0.66
CA LEU A 74 -24.23 10.72 1.87
C LEU A 74 -25.10 11.42 2.92
N TYR A 75 -25.85 10.65 3.69
CA TYR A 75 -26.62 11.18 4.81
C TYR A 75 -26.62 10.18 5.96
N PRO A 76 -26.60 10.66 7.21
CA PRO A 76 -26.57 9.72 8.35
C PRO A 76 -27.73 8.72 8.34
N GLY A 77 -27.41 7.45 8.59
CA GLY A 77 -28.44 6.43 8.61
C GLY A 77 -28.89 5.93 7.25
N MET A 78 -28.20 6.37 6.16
CA MET A 78 -28.55 5.85 4.84
C MET A 78 -28.21 4.35 4.79
N ASP A 79 -28.89 3.59 3.94
CA ASP A 79 -28.65 2.17 3.82
C ASP A 79 -27.20 1.87 3.44
N PRO A 80 -26.44 1.16 4.29
CA PRO A 80 -25.04 0.84 3.93
C PRO A 80 -24.91 0.13 2.58
N ARG A 81 -25.95 -0.62 2.16
CA ARG A 81 -25.93 -1.31 0.84
C ARG A 81 -25.88 -0.30 -0.33
N GLU A 82 -26.35 0.92 -0.12
CA GLU A 82 -26.31 1.96 -1.14
C GLU A 82 -24.97 2.71 -1.16
N VAL A 83 -24.18 2.63 -0.07
CA VAL A 83 -22.95 3.36 0.06
C VAL A 83 -21.89 2.89 -0.90
N ASN A 84 -21.51 3.73 -1.85
CA ASN A 84 -20.51 3.39 -2.85
C ASN A 84 -19.93 4.72 -3.29
N VAL A 85 -18.80 5.13 -2.68
CA VAL A 85 -18.20 6.40 -3.01
C VAL A 85 -16.72 6.23 -3.22
N VAL A 86 -16.08 7.15 -3.91
CA VAL A 86 -14.62 7.14 -4.07
C VAL A 86 -14.12 8.47 -3.53
N GLY A 87 -12.87 8.50 -3.11
CA GLY A 87 -12.28 9.72 -2.64
C GLY A 87 -10.78 9.62 -2.63
N ARG A 88 -10.11 10.74 -2.84
CA ARG A 88 -8.67 10.82 -2.69
C ARG A 88 -8.37 11.13 -1.23
N VAL A 89 -7.34 10.50 -0.65
CA VAL A 89 -6.96 10.70 0.74
C VAL A 89 -6.23 12.03 0.92
N LEU A 90 -6.80 12.89 1.72
CA LEU A 90 -6.26 14.21 2.00
C LEU A 90 -5.44 14.19 3.30
N LYS A 91 -5.93 13.46 4.31
CA LYS A 91 -5.31 13.41 5.62
C LYS A 91 -5.41 12.03 6.22
N LYS A 92 -4.39 11.64 7.01
N LYS A 92 -4.42 11.67 7.05
CA LYS A 92 -4.40 10.39 7.75
CA LYS A 92 -4.38 10.39 7.74
C LYS A 92 -3.99 10.75 9.17
C LYS A 92 -3.93 10.65 9.17
N TYR A 93 -4.80 10.39 10.14
CA TYR A 93 -4.49 10.62 11.55
C TYR A 93 -3.91 9.34 12.20
N PRO A 94 -3.21 9.43 13.34
CA PRO A 94 -2.62 8.20 13.91
C PRO A 94 -3.70 7.27 14.43
N PRO A 95 -3.45 5.95 14.36
CA PRO A 95 -4.38 5.02 15.01
C PRO A 95 -4.34 5.26 16.53
N ARG A 96 -5.46 5.04 17.17
CA ARG A 96 -5.73 5.28 18.58
CA ARG A 96 -5.55 5.19 18.60
C ARG A 96 -6.32 4.02 19.22
N GLU A 97 -6.33 3.97 20.55
CA GLU A 97 -7.03 2.91 21.25
C GLU A 97 -8.34 3.51 21.74
N TYR A 98 -9.33 2.67 21.92
CA TYR A 98 -10.60 3.08 22.49
C TYR A 98 -11.10 1.95 23.41
N THR A 99 -11.90 2.28 24.40
CA THR A 99 -12.44 1.30 25.35
C THR A 99 -13.83 0.86 24.95
N ARG A 100 -14.05 -0.45 24.89
CA ARG A 100 -15.34 -1.05 24.54
C ARG A 100 -16.24 -1.12 25.75
N LYS A 101 -17.54 -1.30 25.53
CA LYS A 101 -18.53 -1.46 26.58
C LYS A 101 -18.19 -2.63 27.49
N ASP A 102 -17.57 -3.69 26.96
CA ASP A 102 -17.18 -4.83 27.79
C ASP A 102 -15.87 -4.65 28.57
N GLY A 103 -15.21 -3.50 28.43
CA GLY A 103 -13.95 -3.26 29.15
C GLY A 103 -12.70 -3.53 28.35
N SER A 104 -12.81 -4.24 27.21
CA SER A 104 -11.64 -4.51 26.37
C SER A 104 -11.20 -3.22 25.63
N VAL A 105 -10.01 -3.24 25.03
CA VAL A 105 -9.46 -2.11 24.29
C VAL A 105 -9.36 -2.47 22.79
N GLY A 106 -9.92 -1.61 21.95
CA GLY A 106 -9.84 -1.79 20.52
C GLY A 106 -9.00 -0.73 19.86
N ARG A 107 -8.95 -0.73 18.53
CA ARG A 107 -8.23 0.28 17.78
C ARG A 107 -9.18 1.01 16.85
N VAL A 108 -8.86 2.28 16.59
CA VAL A 108 -9.66 3.08 15.67
C VAL A 108 -8.70 4.07 14.99
N ALA A 109 -8.88 4.33 13.68
CA ALA A 109 -8.03 5.28 12.98
C ALA A 109 -8.87 6.08 12.02
N SER A 110 -8.58 7.39 11.85
CA SER A 110 -9.38 8.23 10.96
C SER A 110 -8.59 8.81 9.79
N LEU A 111 -9.27 8.99 8.66
CA LEU A 111 -8.70 9.60 7.47
C LEU A 111 -9.70 10.64 6.98
N ILE A 112 -9.25 11.57 6.15
CA ILE A 112 -10.13 12.49 5.48
C ILE A 112 -9.98 12.23 4.00
N ILE A 113 -11.09 12.00 3.30
CA ILE A 113 -11.05 11.78 1.85
C ILE A 113 -11.94 12.85 1.18
N TYR A 114 -11.78 13.04 -0.13
CA TYR A 114 -12.64 13.97 -0.86
C TYR A 114 -12.85 13.50 -2.29
N ASP A 115 -14.00 13.82 -2.87
CA ASP A 115 -14.22 13.56 -4.29
C ASP A 115 -14.47 14.93 -4.97
N ASP A 116 -15.04 14.94 -6.15
CA ASP A 116 -15.38 16.19 -6.84
C ASP A 116 -16.51 16.97 -6.16
N SER A 117 -17.17 16.41 -5.14
CA SER A 117 -18.32 17.02 -4.48
C SER A 117 -18.13 17.49 -3.03
N GLY A 118 -17.17 16.94 -2.30
CA GLY A 118 -16.99 17.29 -0.90
C GLY A 118 -16.05 16.35 -0.18
N ARG A 119 -15.94 16.50 1.14
CA ARG A 119 -15.03 15.70 1.97
C ARG A 119 -15.81 14.85 2.97
N ALA A 120 -15.17 13.77 3.42
CA ALA A 120 -15.78 12.94 4.45
C ALA A 120 -14.69 12.36 5.33
N ARG A 121 -14.99 12.24 6.62
CA ARG A 121 -14.10 11.52 7.53
C ARG A 121 -14.39 10.03 7.32
N VAL A 122 -13.35 9.22 7.24
CA VAL A 122 -13.46 7.79 7.14
C VAL A 122 -12.89 7.19 8.42
N VAL A 123 -13.70 6.45 9.19
CA VAL A 123 -13.26 5.89 10.44
C VAL A 123 -13.07 4.36 10.34
N LEU A 124 -11.82 3.88 10.44
CA LEU A 124 -11.49 2.45 10.38
C LEU A 124 -11.57 1.87 11.78
N TRP A 125 -12.37 0.82 11.97
CA TRP A 125 -12.54 0.21 13.27
C TRP A 125 -11.87 -1.15 13.40
N ASP A 126 -11.13 -1.32 14.48
CA ASP A 126 -10.56 -2.60 14.92
C ASP A 126 -9.79 -3.34 13.82
N ALA A 127 -10.19 -4.57 13.37
CA ALA A 127 -9.40 -5.28 12.34
C ALA A 127 -9.30 -4.51 11.02
N LYS A 128 -10.23 -3.56 10.75
CA LYS A 128 -10.11 -2.75 9.53
C LYS A 128 -8.87 -1.83 9.55
N VAL A 129 -8.39 -1.48 10.75
CA VAL A 129 -7.17 -0.69 10.89
C VAL A 129 -6.00 -1.56 10.44
N SER A 130 -5.87 -2.77 10.99
CA SER A 130 -4.79 -3.68 10.62
C SER A 130 -4.88 -4.05 9.14
N GLU A 131 -6.09 -4.26 8.64
CA GLU A 131 -6.30 -4.65 7.26
C GLU A 131 -5.93 -3.57 6.23
N TYR A 132 -6.31 -2.29 6.49
CA TYR A 132 -6.11 -1.24 5.49
C TYR A 132 -5.24 -0.05 5.80
N TYR A 133 -5.11 0.33 7.07
CA TYR A 133 -4.46 1.57 7.46
C TYR A 133 -3.07 1.80 6.84
N ASN A 134 -2.15 0.84 6.95
CA ASN A 134 -0.80 1.00 6.38
C ASN A 134 -0.80 0.95 4.84
N LYS A 135 -1.82 0.31 4.25
CA LYS A 135 -1.91 0.23 2.79
C LYS A 135 -2.31 1.57 2.14
N ILE A 136 -2.98 2.46 2.89
CA ILE A 136 -3.45 3.75 2.38
C ILE A 136 -2.43 4.88 2.57
N GLU A 137 -2.26 5.78 1.58
CA GLU A 137 -1.39 6.96 1.75
C GLU A 137 -2.04 8.21 1.13
N VAL A 138 -1.63 9.39 1.56
CA VAL A 138 -2.15 10.65 1.07
C VAL A 138 -1.95 10.77 -0.45
N GLY A 139 -3.02 11.10 -1.16
CA GLY A 139 -2.97 11.16 -2.62
C GLY A 139 -3.55 9.92 -3.25
N ASP A 140 -3.58 8.78 -2.52
CA ASP A 140 -4.19 7.55 -3.03
C ASP A 140 -5.70 7.77 -3.10
N VAL A 141 -6.38 7.01 -3.94
CA VAL A 141 -7.83 7.05 -4.04
C VAL A 141 -8.34 5.74 -3.44
N ILE A 142 -9.41 5.79 -2.65
CA ILE A 142 -10.04 4.59 -2.12
C ILE A 142 -11.50 4.58 -2.55
N LYS A 143 -12.07 3.39 -2.65
CA LYS A 143 -13.48 3.22 -2.90
C LYS A 143 -14.02 2.62 -1.62
N VAL A 144 -15.13 3.15 -1.11
CA VAL A 144 -15.73 2.70 0.12
C VAL A 144 -17.07 2.08 -0.15
N LEU A 145 -17.30 0.86 0.35
CA LEU A 145 -18.55 0.15 0.13
C LEU A 145 -19.15 -0.32 1.41
N ASP A 146 -20.49 -0.32 1.51
CA ASP A 146 -21.18 -0.92 2.63
C ASP A 146 -20.81 -0.35 4.01
N ALA A 147 -20.43 0.93 4.06
CA ALA A 147 -20.07 1.56 5.33
C ALA A 147 -21.31 2.14 5.98
N GLN A 148 -21.32 2.27 7.31
CA GLN A 148 -22.43 2.95 7.97
C GLN A 148 -22.12 4.45 7.89
N VAL A 149 -23.14 5.26 7.73
CA VAL A 149 -22.95 6.71 7.70
C VAL A 149 -23.45 7.31 8.98
N LYS A 150 -22.58 8.05 9.64
CA LYS A 150 -22.95 8.71 10.90
C LYS A 150 -22.81 10.20 10.78
N GLU A 151 -23.45 10.90 11.71
CA GLU A 151 -23.34 12.34 11.76
C GLU A 151 -22.10 12.67 12.59
N SER A 152 -21.20 13.47 12.05
CA SER A 152 -20.02 13.89 12.77
C SER A 152 -20.41 14.87 13.88
N LEU A 153 -19.47 15.22 14.77
CA LEU A 153 -19.73 16.23 15.80
C LEU A 153 -20.05 17.62 15.19
N SER A 154 -19.73 17.84 13.88
CA SER A 154 -20.09 19.11 13.22
C SER A 154 -21.33 19.01 12.32
N GLY A 155 -22.10 17.94 12.45
CA GLY A 155 -23.33 17.74 11.67
C GLY A 155 -23.13 17.20 10.26
N LEU A 156 -21.90 16.75 9.91
CA LEU A 156 -21.61 16.28 8.56
C LEU A 156 -21.50 14.73 8.48
N PRO A 157 -21.82 14.12 7.33
CA PRO A 157 -21.65 12.65 7.19
C PRO A 157 -20.20 12.15 7.34
N GLU A 158 -19.99 11.01 8.06
CA GLU A 158 -18.72 10.28 8.25
C GLU A 158 -18.97 8.83 7.86
N LEU A 159 -17.98 8.19 7.28
CA LEU A 159 -18.07 6.80 6.82
C LEU A 159 -17.41 5.86 7.83
N HIS A 160 -18.18 4.97 8.42
CA HIS A 160 -17.66 4.06 9.43
C HIS A 160 -17.34 2.69 8.83
N ILE A 161 -16.07 2.32 8.84
CA ILE A 161 -15.60 1.08 8.25
C ILE A 161 -15.52 0.01 9.35
N ASN A 162 -16.64 -0.72 9.52
CA ASN A 162 -16.78 -1.81 10.48
C ASN A 162 -16.68 -3.19 9.75
N PHE A 163 -16.95 -4.33 10.43
CA PHE A 163 -16.87 -5.67 9.86
C PHE A 163 -17.52 -5.81 8.50
N ARG A 164 -18.66 -5.15 8.30
CA ARG A 164 -19.41 -5.25 7.07
C ARG A 164 -18.82 -4.48 5.90
N ALA A 165 -18.12 -3.41 6.20
CA ALA A 165 -17.65 -2.50 5.17
C ALA A 165 -16.45 -3.00 4.38
N ARG A 166 -16.20 -2.47 3.18
CA ARG A 166 -15.06 -2.84 2.37
C ARG A 166 -14.41 -1.60 1.80
N ILE A 167 -13.11 -1.70 1.54
CA ILE A 167 -12.39 -0.61 0.92
C ILE A 167 -11.60 -1.22 -0.22
N ILE A 168 -11.59 -0.55 -1.36
CA ILE A 168 -10.80 -0.94 -2.51
C ILE A 168 -9.76 0.12 -2.70
N LEU A 169 -8.50 -0.26 -2.66
CA LEU A 169 -7.40 0.68 -2.82
C LEU A 169 -7.17 0.92 -4.28
N ASN A 170 -7.02 2.21 -4.66
CA ASN A 170 -6.85 2.68 -6.04
C ASN A 170 -7.76 1.93 -7.03
N PRO A 171 -9.08 2.16 -6.87
CA PRO A 171 -10.05 1.42 -7.69
C PRO A 171 -10.05 1.77 -9.16
N ASP A 172 -10.65 0.90 -9.98
CA ASP A 172 -10.89 1.09 -11.40
C ASP A 172 -12.31 1.59 -11.43
N ASP A 173 -12.51 2.91 -11.52
CA ASP A 173 -13.84 3.49 -11.44
C ASP A 173 -13.87 4.80 -12.24
N PRO A 174 -14.91 5.05 -13.03
CA PRO A 174 -14.95 6.29 -13.84
C PRO A 174 -14.91 7.60 -13.04
N ARG A 175 -15.34 7.56 -11.75
CA ARG A 175 -15.32 8.76 -10.92
C ARG A 175 -13.90 9.20 -10.54
N VAL A 176 -12.93 8.29 -10.54
CA VAL A 176 -11.58 8.61 -10.13
C VAL A 176 -10.95 9.78 -10.91
N GLU A 177 -11.11 9.78 -12.25
CA GLU A 177 -10.55 10.87 -13.06
C GLU A 177 -11.17 12.26 -12.79
N MET A 178 -12.35 12.27 -12.16
N MET A 178 -12.35 12.27 -12.16
CA MET A 178 -13.05 13.50 -11.81
CA MET A 178 -13.02 13.52 -11.84
C MET A 178 -12.56 14.13 -10.50
C MET A 178 -12.58 14.12 -10.48
N ILE A 179 -11.80 13.38 -9.68
CA ILE A 179 -11.34 13.90 -8.39
C ILE A 179 -10.16 14.81 -8.57
N PRO A 180 -10.24 16.06 -8.09
CA PRO A 180 -9.10 16.98 -8.26
C PRO A 180 -7.82 16.47 -7.60
N PRO A 181 -6.65 16.78 -8.19
CA PRO A 181 -5.38 16.39 -7.54
C PRO A 181 -5.14 17.18 -6.26
N LEU A 182 -4.27 16.66 -5.36
CA LEU A 182 -3.94 17.29 -4.08
C LEU A 182 -3.58 18.77 -4.20
N GLU A 183 -2.77 19.14 -5.20
CA GLU A 183 -2.31 20.52 -5.44
C GLU A 183 -3.48 21.49 -5.65
N GLU A 184 -4.57 21.03 -6.29
CA GLU A 184 -5.74 21.88 -6.49
C GLU A 184 -6.61 22.08 -5.25
N VAL A 185 -6.28 21.40 -4.13
CA VAL A 185 -7.04 21.50 -2.88
C VAL A 185 -6.24 22.27 -1.81
N THR B 7 16.87 5.28 14.52
CA THR B 7 17.19 6.06 13.33
C THR B 7 17.92 7.35 13.67
N VAL B 8 18.86 7.75 12.81
CA VAL B 8 19.68 8.96 12.94
C VAL B 8 19.00 10.19 12.28
N LEU B 9 17.85 10.00 11.57
CA LEU B 9 17.11 11.14 11.01
C LEU B 9 16.75 12.14 12.12
N THR B 10 16.90 13.44 11.87
CA THR B 10 16.56 14.44 12.86
C THR B 10 15.05 14.51 13.08
N LYS B 11 14.63 15.11 14.20
CA LYS B 11 13.22 15.32 14.52
C LYS B 11 12.55 16.15 13.39
N ASP B 12 13.23 17.20 12.89
CA ASP B 12 12.66 18.03 11.83
C ASP B 12 12.49 17.26 10.52
N ARG B 13 13.44 16.39 10.19
CA ARG B 13 13.33 15.56 8.98
C ARG B 13 12.16 14.58 9.14
N ILE B 14 12.04 13.94 10.31
CA ILE B 14 10.93 13.02 10.55
C ILE B 14 9.58 13.75 10.45
N ILE B 15 9.48 14.97 11.00
CA ILE B 15 8.25 15.76 10.91
C ILE B 15 7.93 16.08 9.46
N GLU B 16 8.97 16.44 8.66
CA GLU B 16 8.77 16.75 7.25
C GLU B 16 8.22 15.52 6.51
N ILE B 17 8.77 14.33 6.77
CA ILE B 17 8.30 13.09 6.15
C ILE B 17 6.84 12.83 6.57
N ILE B 18 6.53 12.97 7.87
CA ILE B 18 5.16 12.77 8.39
C ILE B 18 4.17 13.74 7.72
N GLU B 19 4.54 15.03 7.55
CA GLU B 19 3.66 16.00 6.89
C GLU B 19 3.36 15.55 5.46
N ARG B 20 4.40 15.12 4.73
CA ARG B 20 4.23 14.70 3.34
C ARG B 20 3.40 13.43 3.22
N LYS B 21 3.59 12.45 4.12
CA LYS B 21 2.87 11.16 4.05
C LYS B 21 1.46 11.15 4.67
N THR B 22 1.16 12.09 5.58
CA THR B 22 -0.13 12.11 6.25
C THR B 22 -0.98 13.30 5.96
N GLY B 23 -0.39 14.40 5.48
CA GLY B 23 -1.13 15.63 5.26
C GLY B 23 -1.48 16.36 6.55
N MET B 24 -1.03 15.85 7.73
CA MET B 24 -1.29 16.55 8.99
C MET B 24 -0.49 17.84 9.00
N SER B 25 -1.01 18.89 9.67
CA SER B 25 -0.26 20.14 9.79
C SER B 25 0.88 19.95 10.79
N ARG B 26 1.85 20.86 10.79
CA ARG B 26 2.95 20.80 11.74
C ARG B 26 2.43 20.86 13.18
N GLU B 27 1.38 21.66 13.41
CA GLU B 27 0.76 21.83 14.71
C GLU B 27 0.12 20.53 15.18
N GLU B 28 -0.59 19.82 14.29
CA GLU B 28 -1.19 18.53 14.60
C GLU B 28 -0.11 17.51 14.93
N ILE B 29 0.99 17.48 14.16
CA ILE B 29 2.09 16.54 14.40
C ILE B 29 2.78 16.80 15.75
N GLU B 30 2.99 18.08 16.08
CA GLU B 30 3.62 18.43 17.36
C GLU B 30 2.75 18.01 18.53
N GLU B 31 1.45 18.16 18.41
CA GLU B 31 0.52 17.73 19.43
C GLU B 31 0.59 16.21 19.63
N GLU B 32 0.73 15.44 18.52
CA GLU B 32 0.88 13.99 18.61
C GLU B 32 2.19 13.62 19.30
N ILE B 33 3.28 14.34 19.01
CA ILE B 33 4.55 14.12 19.66
C ILE B 33 4.45 14.42 21.17
N ARG B 34 3.76 15.51 21.55
N ARG B 34 3.76 15.52 21.55
CA ARG B 34 3.58 15.85 22.97
CA ARG B 34 3.53 15.89 22.95
C ARG B 34 2.84 14.74 23.71
C ARG B 34 2.83 14.76 23.70
N LYS B 35 1.80 14.17 23.10
CA LYS B 35 1.06 13.08 23.71
C LYS B 35 1.94 11.84 23.94
N ILE B 36 2.79 11.53 22.96
CA ILE B 36 3.69 10.40 23.08
C ILE B 36 4.72 10.67 24.20
N MET B 37 5.21 11.90 24.32
CA MET B 37 6.17 12.25 25.36
C MET B 37 5.54 12.26 26.76
N GLU B 38 4.27 12.64 26.85
CA GLU B 38 3.52 12.61 28.10
C GLU B 38 3.28 11.17 28.55
N GLU B 39 3.14 10.25 27.61
CA GLU B 39 2.94 8.83 27.86
C GLU B 39 4.26 8.17 28.26
N ASP B 40 5.39 8.60 27.64
CA ASP B 40 6.70 7.97 27.87
C ASP B 40 7.77 9.01 28.16
N PRO B 41 8.09 9.19 29.45
CA PRO B 41 9.09 10.23 29.82
C PRO B 41 10.53 9.94 29.40
N TYR B 42 10.82 8.75 28.92
CA TYR B 42 12.16 8.37 28.49
C TYR B 42 12.48 8.73 27.04
N LEU B 43 11.45 9.06 26.24
CA LEU B 43 11.67 9.39 24.84
C LEU B 43 12.16 10.82 24.67
N SER B 44 13.12 11.01 23.77
CA SER B 44 13.53 12.34 23.38
C SER B 44 12.49 12.83 22.32
N GLU B 45 12.56 14.10 21.89
CA GLU B 45 11.67 14.61 20.85
C GLU B 45 11.84 13.82 19.55
N GLN B 46 13.09 13.45 19.20
CA GLN B 46 13.41 12.69 18.02
C GLN B 46 12.84 11.28 18.15
N GLY B 47 12.99 10.66 19.31
CA GLY B 47 12.48 9.32 19.55
C GLY B 47 10.96 9.29 19.49
N ALA B 48 10.32 10.33 19.99
CA ALA B 48 8.85 10.43 19.96
C ALA B 48 8.38 10.62 18.52
N ALA B 49 9.11 11.41 17.71
CA ALA B 49 8.75 11.64 16.32
C ALA B 49 8.91 10.31 15.54
N ALA B 50 9.98 9.54 15.82
CA ALA B 50 10.22 8.24 15.19
C ALA B 50 9.12 7.26 15.58
N LEU B 51 8.68 7.28 16.83
CA LEU B 51 7.61 6.36 17.28
C LEU B 51 6.30 6.75 16.56
N LEU B 52 6.03 8.06 16.42
CA LEU B 52 4.83 8.51 15.70
C LEU B 52 4.89 8.02 14.23
N ALA B 53 6.04 8.16 13.56
CA ALA B 53 6.21 7.67 12.18
C ALA B 53 5.88 6.16 12.08
N GLU B 54 6.41 5.37 13.03
CA GLU B 54 6.19 3.93 13.13
C GLU B 54 4.70 3.62 13.31
N ARG B 55 4.02 4.35 14.23
CA ARG B 55 2.57 4.15 14.44
C ARG B 55 1.74 4.51 13.22
N LEU B 56 2.24 5.44 12.40
CA LEU B 56 1.55 5.84 11.18
C LEU B 56 1.83 4.88 9.99
N GLY B 57 2.63 3.83 10.22
CA GLY B 57 3.01 2.90 9.17
C GLY B 57 4.06 3.46 8.22
N ILE B 58 4.85 4.41 8.68
CA ILE B 58 5.90 5.03 7.87
C ILE B 58 7.22 4.37 8.23
N ASP B 59 7.90 3.74 7.26
CA ASP B 59 9.16 3.06 7.55
C ASP B 59 10.31 4.04 7.39
N LEU B 60 11.05 4.35 8.48
CA LEU B 60 12.18 5.29 8.39
C LEU B 60 13.50 4.55 8.22
N ILE B 61 14.35 5.02 7.31
CA ILE B 61 15.68 4.42 7.14
C ILE B 61 16.50 4.84 8.36
N GLU B 62 17.35 3.93 8.88
CA GLU B 62 18.20 4.23 10.03
C GLU B 62 19.08 5.44 9.75
N LYS B 63 19.82 5.42 8.65
CA LYS B 63 20.63 6.57 8.24
C LYS B 63 20.31 6.93 6.79
N GLU B 64 20.00 8.21 6.53
CA GLU B 64 19.77 8.65 5.16
C GLU B 64 21.13 9.03 4.60
N VAL B 66 21.21 9.65 1.17
CA VAL B 66 20.64 10.17 -0.07
C VAL B 66 21.47 9.67 -1.25
N SER B 67 20.81 9.61 -2.42
CA SER B 67 21.52 9.18 -3.61
C SER B 67 20.81 9.69 -4.83
N LEU B 68 21.58 9.98 -5.88
CA LEU B 68 20.99 10.35 -7.16
C LEU B 68 20.99 9.11 -8.11
N MET B 69 21.46 7.94 -7.64
CA MET B 69 21.58 6.72 -8.45
C MET B 69 20.33 6.34 -9.18
N ARG B 70 20.50 5.94 -10.43
CA ARG B 70 19.43 5.43 -11.26
C ARG B 70 19.58 3.95 -11.54
N ILE B 71 18.47 3.30 -11.88
CA ILE B 71 18.46 1.89 -12.28
C ILE B 71 19.44 1.62 -13.44
N SER B 72 19.54 2.54 -14.40
CA SER B 72 20.45 2.39 -15.55
C SER B 72 21.93 2.30 -15.10
N GLU B 73 22.26 2.81 -13.90
CA GLU B 73 23.62 2.79 -13.38
C GLU B 73 24.00 1.52 -12.61
N LEU B 74 23.02 0.63 -12.36
CA LEU B 74 23.32 -0.63 -11.67
C LEU B 74 24.14 -1.53 -12.60
N TYR B 75 25.07 -2.30 -12.04
CA TYR B 75 25.81 -3.29 -12.82
C TYR B 75 26.06 -4.53 -11.97
N PRO B 76 26.07 -5.73 -12.60
CA PRO B 76 26.25 -6.96 -11.82
C PRO B 76 27.52 -6.96 -10.98
N GLY B 77 27.39 -7.36 -9.72
CA GLY B 77 28.55 -7.44 -8.85
C GLY B 77 28.98 -6.14 -8.23
N MET B 78 28.21 -5.05 -8.41
CA MET B 78 28.58 -3.79 -7.77
C MET B 78 28.45 -3.94 -6.25
N ASP B 79 29.16 -3.11 -5.50
CA ASP B 79 29.11 -3.15 -4.04
C ASP B 79 27.66 -2.91 -3.56
N PRO B 80 27.06 -3.89 -2.84
CA PRO B 80 25.68 -3.69 -2.35
C PRO B 80 25.53 -2.41 -1.50
N ARG B 81 26.62 -1.95 -0.84
CA ARG B 81 26.57 -0.70 -0.05
C ARG B 81 26.31 0.53 -0.94
N GLU B 82 26.65 0.45 -2.24
CA GLU B 82 26.39 1.54 -3.19
C GLU B 82 24.97 1.50 -3.76
N VAL B 83 24.30 0.35 -3.69
CA VAL B 83 22.95 0.23 -4.25
C VAL B 83 21.96 1.06 -3.48
N ASN B 84 21.37 2.04 -4.14
CA ASN B 84 20.34 2.89 -3.55
C ASN B 84 19.51 3.42 -4.73
N VAL B 85 18.39 2.75 -5.03
CA VAL B 85 17.56 3.14 -6.15
C VAL B 85 16.11 3.16 -5.73
N VAL B 86 15.28 3.85 -6.48
CA VAL B 86 13.84 3.86 -6.25
C VAL B 86 13.18 3.44 -7.55
N GLY B 87 11.99 2.86 -7.44
CA GLY B 87 11.25 2.47 -8.62
C GLY B 87 9.78 2.24 -8.34
N ARG B 88 8.95 2.58 -9.33
CA ARG B 88 7.53 2.31 -9.22
C ARG B 88 7.32 0.84 -9.66
N VAL B 89 6.46 0.12 -8.97
CA VAL B 89 6.17 -1.28 -9.28
C VAL B 89 5.25 -1.37 -10.51
N LEU B 90 5.74 -2.02 -11.54
CA LEU B 90 5.03 -2.20 -12.80
C LEU B 90 4.34 -3.57 -12.83
N LYS B 91 5.03 -4.60 -12.32
CA LYS B 91 4.54 -5.97 -12.36
C LYS B 91 4.88 -6.71 -11.09
N LYS B 92 3.99 -7.62 -10.66
CA LYS B 92 4.22 -8.52 -9.53
C LYS B 92 3.91 -9.91 -10.09
N TYR B 93 4.88 -10.82 -10.01
CA TYR B 93 4.67 -12.20 -10.41
C TYR B 93 4.30 -13.03 -9.18
N PRO B 94 3.71 -14.24 -9.34
CA PRO B 94 3.30 -14.99 -8.14
C PRO B 94 4.50 -15.49 -7.36
N PRO B 95 4.38 -15.58 -6.03
CA PRO B 95 5.47 -16.20 -5.25
C PRO B 95 5.54 -17.69 -5.62
N ARG B 96 6.74 -18.23 -5.55
CA ARG B 96 6.96 -19.62 -5.87
C ARG B 96 7.97 -20.25 -4.90
N GLU B 97 8.13 -21.56 -4.98
CA GLU B 97 9.06 -22.27 -4.13
C GLU B 97 10.33 -22.52 -4.92
N TYR B 98 11.42 -22.66 -4.21
CA TYR B 98 12.69 -23.07 -4.81
C TYR B 98 13.37 -24.04 -3.85
N THR B 99 14.18 -24.95 -4.40
CA THR B 99 14.87 -25.96 -3.61
C THR B 99 16.29 -25.51 -3.32
N ARG B 100 16.71 -25.62 -2.05
CA ARG B 100 18.05 -25.28 -1.62
C ARG B 100 18.98 -26.50 -1.82
N LYS B 101 20.31 -26.29 -1.86
CA LYS B 101 21.24 -27.41 -1.96
C LYS B 101 21.10 -28.39 -0.82
N ASP B 102 20.69 -27.90 0.37
CA ASP B 102 20.52 -28.80 1.53
C ASP B 102 19.22 -29.61 1.50
N GLY B 103 18.38 -29.43 0.48
CA GLY B 103 17.13 -30.18 0.37
C GLY B 103 15.92 -29.45 0.89
N SER B 104 16.11 -28.35 1.66
CA SER B 104 14.97 -27.59 2.16
C SER B 104 14.31 -26.79 1.00
N VAL B 105 13.11 -26.25 1.24
CA VAL B 105 12.37 -25.48 0.26
C VAL B 105 12.18 -24.07 0.79
N GLY B 106 12.53 -23.09 -0.02
CA GLY B 106 12.32 -21.68 0.32
C GLY B 106 11.30 -21.02 -0.59
N ARG B 107 11.12 -19.72 -0.43
CA ARG B 107 10.18 -18.96 -1.27
C ARG B 107 10.93 -17.88 -1.99
N VAL B 108 10.43 -17.53 -3.18
CA VAL B 108 11.00 -16.46 -3.96
C VAL B 108 9.85 -15.79 -4.76
N ALA B 109 9.88 -14.47 -4.89
CA ALA B 109 8.84 -13.76 -5.66
C ALA B 109 9.51 -12.63 -6.43
N SER B 110 9.10 -12.40 -7.68
CA SER B 110 9.73 -11.36 -8.49
C SER B 110 8.76 -10.23 -8.84
N LEU B 111 9.30 -9.03 -8.93
CA LEU B 111 8.57 -7.83 -9.34
C LEU B 111 9.38 -7.15 -10.42
N ILE B 112 8.73 -6.26 -11.18
CA ILE B 112 9.43 -5.42 -12.13
C ILE B 112 9.17 -3.99 -11.64
N ILE B 113 10.23 -3.22 -11.47
CA ILE B 113 10.12 -1.82 -11.09
C ILE B 113 10.78 -0.95 -12.15
N TYR B 114 10.49 0.36 -12.14
CA TYR B 114 11.13 1.25 -13.09
C TYR B 114 11.29 2.64 -12.51
N ASP B 115 12.32 3.36 -12.93
CA ASP B 115 12.43 4.78 -12.58
C ASP B 115 12.43 5.58 -13.91
N ASP B 116 12.92 6.82 -13.89
CA ASP B 116 12.99 7.62 -15.11
C ASP B 116 14.04 7.11 -16.12
N SER B 117 14.87 6.13 -15.74
CA SER B 117 15.99 5.63 -16.55
C SER B 117 15.84 4.23 -17.16
N GLY B 118 15.01 3.40 -16.56
CA GLY B 118 14.86 2.03 -17.02
C GLY B 118 14.18 1.13 -16.02
N ARG B 119 14.14 -0.17 -16.32
CA ARG B 119 13.48 -1.16 -15.48
C ARG B 119 14.46 -2.11 -14.84
N ALA B 120 14.03 -2.75 -13.74
CA ALA B 120 14.85 -3.76 -13.10
C ALA B 120 13.94 -4.80 -12.51
N ARG B 121 14.40 -6.04 -12.51
CA ARG B 121 13.66 -7.12 -11.86
C ARG B 121 14.12 -7.07 -10.39
N VAL B 122 13.17 -7.17 -9.47
CA VAL B 122 13.46 -7.18 -8.05
C VAL B 122 13.08 -8.57 -7.55
N VAL B 123 14.02 -9.31 -6.97
CA VAL B 123 13.76 -10.66 -6.52
C VAL B 123 13.72 -10.71 -4.99
N LEU B 124 12.53 -10.94 -4.40
CA LEU B 124 12.35 -11.06 -2.95
C LEU B 124 12.64 -12.52 -2.54
N TRP B 125 13.56 -12.71 -1.60
CA TRP B 125 13.93 -14.03 -1.14
C TRP B 125 13.43 -14.34 0.24
N ASP B 126 12.86 -15.54 0.38
CA ASP B 126 12.49 -16.16 1.65
C ASP B 126 11.69 -15.23 2.55
N ALA B 127 12.17 -14.85 3.77
CA ALA B 127 11.36 -13.99 4.65
C ALA B 127 11.01 -12.65 4.04
N LYS B 128 11.78 -12.14 3.06
CA LYS B 128 11.42 -10.88 2.40
C LYS B 128 10.09 -11.01 1.62
N VAL B 129 9.73 -12.22 1.18
CA VAL B 129 8.44 -12.45 0.51
C VAL B 129 7.32 -12.26 1.55
N SER B 130 7.41 -12.97 2.69
CA SER B 130 6.41 -12.85 3.75
C SER B 130 6.34 -11.42 4.28
N GLU B 131 7.50 -10.77 4.42
CA GLU B 131 7.57 -9.42 4.95
C GLU B 131 7.00 -8.36 4.03
N TYR B 132 7.26 -8.43 2.72
CA TYR B 132 6.86 -7.36 1.82
C TYR B 132 5.88 -7.65 0.73
N TYR B 133 5.83 -8.88 0.21
CA TYR B 133 5.07 -9.17 -0.99
C TYR B 133 3.60 -8.68 -0.98
N ASN B 134 2.83 -9.00 0.07
CA ASN B 134 1.43 -8.53 0.12
C ASN B 134 1.32 -7.01 0.40
N LYS B 135 2.36 -6.39 0.95
CA LYS B 135 2.37 -4.93 1.22
C LYS B 135 2.61 -4.11 -0.03
N ILE B 136 3.19 -4.68 -1.07
CA ILE B 136 3.51 -3.98 -2.30
C ILE B 136 2.37 -4.09 -3.31
N GLU B 137 2.00 -2.98 -3.90
CA GLU B 137 0.98 -2.95 -4.94
C GLU B 137 1.60 -2.37 -6.18
N VAL B 138 1.07 -2.70 -7.36
CA VAL B 138 1.47 -2.08 -8.62
C VAL B 138 1.13 -0.56 -8.51
N GLY B 139 2.07 0.28 -8.90
CA GLY B 139 1.90 1.73 -8.77
C GLY B 139 2.62 2.27 -7.54
N ASP B 140 2.86 1.43 -6.52
CA ASP B 140 3.60 1.85 -5.34
C ASP B 140 5.06 2.08 -5.74
N VAL B 141 5.78 2.89 -4.98
CA VAL B 141 7.19 3.14 -5.21
C VAL B 141 7.93 2.45 -4.07
N ILE B 142 9.04 1.79 -4.37
CA ILE B 142 9.87 1.18 -3.36
C ILE B 142 11.28 1.76 -3.49
N LYS B 143 11.99 1.78 -2.38
CA LYS B 143 13.38 2.18 -2.35
C LYS B 143 14.13 0.90 -1.99
N VAL B 144 15.20 0.60 -2.72
CA VAL B 144 15.97 -0.60 -2.50
C VAL B 144 17.37 -0.24 -2.07
N LEU B 145 17.83 -0.84 -0.97
CA LEU B 145 19.16 -0.57 -0.42
C LEU B 145 19.89 -1.85 -0.15
N ASP B 146 21.19 -1.84 -0.31
CA ASP B 146 22.04 -2.98 0.06
C ASP B 146 21.70 -4.31 -0.61
N ALA B 147 21.16 -4.27 -1.83
CA ALA B 147 20.79 -5.47 -2.55
C ALA B 147 21.97 -5.92 -3.38
N GLN B 148 22.04 -7.24 -3.65
CA GLN B 148 23.08 -7.72 -4.56
C GLN B 148 22.54 -7.50 -5.98
N VAL B 149 23.44 -7.15 -6.91
CA VAL B 149 23.04 -6.96 -8.28
C VAL B 149 23.52 -8.11 -9.14
N LYS B 150 22.59 -8.74 -9.84
CA LYS B 150 22.90 -9.84 -10.75
C LYS B 150 22.44 -9.45 -12.16
N GLU B 151 23.04 -10.06 -13.21
CA GLU B 151 22.59 -9.76 -14.57
C GLU B 151 21.47 -10.73 -14.83
N SER B 152 20.26 -10.21 -15.14
CA SER B 152 19.15 -11.10 -15.44
C SER B 152 19.39 -11.70 -16.76
N LEU B 153 18.90 -12.92 -16.98
CA LEU B 153 19.00 -13.58 -18.28
C LEU B 153 18.48 -12.66 -19.43
N SER B 154 17.53 -11.74 -19.08
CA SER B 154 16.88 -10.78 -19.98
C SER B 154 17.81 -9.65 -20.42
N GLY B 155 18.69 -9.25 -19.53
CA GLY B 155 19.59 -8.12 -19.74
C GLY B 155 19.32 -7.06 -18.67
N LEU B 156 18.07 -7.00 -18.17
CA LEU B 156 17.65 -6.10 -17.11
C LEU B 156 18.47 -6.35 -15.88
N PRO B 157 18.81 -5.28 -15.15
CA PRO B 157 19.52 -5.49 -13.87
C PRO B 157 18.59 -6.19 -12.90
N GLU B 158 19.15 -7.07 -12.07
CA GLU B 158 18.35 -7.78 -11.08
C GLU B 158 18.80 -7.37 -9.74
N LEU B 159 17.85 -6.92 -8.92
CA LEU B 159 18.12 -6.54 -7.55
C LEU B 159 17.67 -7.69 -6.67
N HIS B 160 18.61 -8.31 -5.96
CA HIS B 160 18.29 -9.44 -5.09
C HIS B 160 18.10 -9.01 -3.64
N ILE B 161 16.85 -9.13 -3.15
CA ILE B 161 16.45 -8.69 -1.81
C ILE B 161 16.47 -9.84 -0.86
N ASN B 162 17.55 -9.99 -0.12
CA ASN B 162 17.59 -11.03 0.89
C ASN B 162 17.57 -10.37 2.29
N PHE B 163 17.82 -11.14 3.36
CA PHE B 163 17.86 -10.68 4.73
C PHE B 163 18.89 -9.58 4.97
N ARG B 164 19.87 -9.39 4.06
CA ARG B 164 20.85 -8.31 4.21
C ARG B 164 20.44 -7.01 3.48
N ALA B 165 19.47 -7.08 2.56
CA ALA B 165 18.95 -5.95 1.80
C ALA B 165 17.80 -5.25 2.55
N ARG B 166 17.48 -4.02 2.13
N ARG B 166 17.49 -4.02 2.15
CA ARG B 166 16.45 -3.19 2.73
CA ARG B 166 16.43 -3.24 2.77
C ARG B 166 15.45 -2.70 1.68
C ARG B 166 15.46 -2.68 1.72
N ILE B 167 14.14 -2.77 1.97
CA ILE B 167 13.11 -2.22 1.09
C ILE B 167 12.35 -1.22 1.92
N ILE B 168 12.19 -0.01 1.39
CA ILE B 168 11.38 1.00 2.04
C ILE B 168 10.17 1.18 1.15
N LEU B 169 8.98 0.93 1.68
CA LEU B 169 7.75 1.10 0.92
C LEU B 169 7.39 2.55 0.92
N ASN B 170 7.04 3.08 -0.24
CA ASN B 170 6.67 4.47 -0.49
C ASN B 170 7.61 5.45 0.23
N PRO B 171 8.88 5.48 -0.23
CA PRO B 171 9.86 6.34 0.44
C PRO B 171 9.64 7.81 0.18
N ASP B 172 10.19 8.65 1.06
CA ASP B 172 10.21 10.07 0.84
C ASP B 172 11.58 10.28 0.23
N ASP B 173 11.65 10.60 -1.06
CA ASP B 173 12.92 10.71 -1.78
C ASP B 173 12.72 11.64 -2.97
N PRO B 174 13.67 12.55 -3.26
CA PRO B 174 13.50 13.47 -4.40
C PRO B 174 13.33 12.81 -5.78
N ARG B 175 13.84 11.58 -5.94
CA ARG B 175 13.72 10.87 -7.21
C ARG B 175 12.30 10.41 -7.52
N VAL B 176 11.46 10.24 -6.49
CA VAL B 176 10.11 9.74 -6.67
C VAL B 176 9.29 10.58 -7.66
N GLU B 177 9.36 11.91 -7.56
CA GLU B 177 8.58 12.79 -8.45
C GLU B 177 8.97 12.70 -9.93
N MET B 178 10.19 12.26 -10.27
CA MET B 178 10.62 12.11 -11.66
C MET B 178 10.19 10.75 -12.28
N ILE B 179 9.67 9.80 -11.47
CA ILE B 179 9.24 8.51 -12.02
C ILE B 179 7.92 8.68 -12.74
N PRO B 180 7.84 8.34 -14.03
CA PRO B 180 6.56 8.48 -14.75
C PRO B 180 5.42 7.66 -14.13
N PRO B 181 4.18 8.16 -14.23
CA PRO B 181 3.05 7.36 -13.72
C PRO B 181 2.79 6.13 -14.59
N LEU B 182 2.10 5.12 -14.05
CA LEU B 182 1.79 3.87 -14.74
C LEU B 182 1.20 4.07 -16.14
N GLU B 183 0.25 5.02 -16.30
CA GLU B 183 -0.43 5.33 -17.55
C GLU B 183 0.55 5.72 -18.65
N GLU B 184 1.64 6.43 -18.30
CA GLU B 184 2.64 6.84 -19.28
C GLU B 184 3.58 5.71 -19.74
N VAL B 185 3.46 4.51 -19.14
CA VAL B 185 4.29 3.37 -19.48
C VAL B 185 3.50 2.27 -20.19
C1 PEG C . -17.70 0.54 17.61
O1 PEG C . -18.42 1.77 17.69
C2 PEG C . -18.31 -0.39 16.60
O2 PEG C . -17.27 -1.17 16.00
C3 PEG C . -17.71 -2.15 15.07
C4 PEG C . -16.67 -3.23 14.93
O4 PEG C . -16.84 -4.00 13.74
H11 PEG C . -17.71 0.07 18.59
H12 PEG C . -16.68 0.78 17.32
HO1 PEG C . -18.09 2.23 18.48
H21 PEG C . -18.81 0.18 15.80
H22 PEG C . -19.03 -1.05 17.08
H31 PEG C . -17.88 -1.68 14.10
H32 PEG C . -18.64 -2.60 15.43
H41 PEG C . -16.74 -3.92 15.77
H42 PEG C . -15.66 -2.79 14.92
HO4 PEG C . -17.76 -4.29 13.72
CL CL D . 0.93 6.05 -10.34
#